data_7BWF
#
_entry.id   7BWF
#
_cell.length_a   67.849
_cell.length_b   67.849
_cell.length_c   69.356
_cell.angle_alpha   90.000
_cell.angle_beta   90.000
_cell.angle_gamma   120.000
#
_symmetry.space_group_name_H-M   'P 31'
#
loop_
_entity.id
_entity.type
_entity.pdbx_description
1 polymer 'Addiction module antitoxin RelB'
2 polymer Antitoxin
3 polymer Antitoxin
4 water water
#
loop_
_entity_poly.entity_id
_entity_poly.type
_entity_poly.pdbx_seq_one_letter_code
_entity_poly.pdbx_strand_id
1 'polypeptide(L)'
;ARLNITFSPQAFEDYKYFQQNNKKMVKKINELLKSIDRNGALEGIGKPEKLKSNLTGYYSRRINHEHRLVYTVDDNHIKI
ASCKYHY
;
A,C
2 'polypeptide(L)'
;SGLVPRGSHMIIKNYSYARQNLKALMTKVNDDSDMVTVTSTDDKNVVIMSESDYNSMMETLYLQQNPNNAEHLAQSIADL
ERGKTITKDIDV
;
B
3 'polypeptide(L)'
;GLVPRGSHMIIKNYSYARQNLKALMTKVNDDSDMVTVTSTDDKNVVIMSESDYNSMMETLYLQQNPNNAEHLAQSIADLE
RGKTITKDIDV
;
D
#
# COMPACT_ATOMS: atom_id res chain seq x y z
N ALA A 1 -17.96 -8.70 -32.26
CA ALA A 1 -18.71 -9.07 -31.06
C ALA A 1 -19.08 -7.85 -30.20
N ARG A 2 -20.31 -7.40 -30.36
CA ARG A 2 -20.80 -6.27 -29.59
C ARG A 2 -20.70 -6.58 -28.12
N LEU A 3 -20.13 -5.64 -27.37
CA LEU A 3 -20.00 -5.73 -25.92
C LEU A 3 -20.43 -4.40 -25.33
N ASN A 4 -21.46 -4.41 -24.49
CA ASN A 4 -21.95 -3.21 -23.84
C ASN A 4 -21.10 -2.95 -22.60
N ILE A 5 -20.46 -1.78 -22.58
CA ILE A 5 -19.50 -1.41 -21.56
C ILE A 5 -19.94 -0.09 -20.95
N THR A 6 -19.89 -0.01 -19.63
CA THR A 6 -20.14 1.24 -18.92
C THR A 6 -18.81 1.86 -18.51
N PHE A 7 -18.60 3.12 -18.92
CA PHE A 7 -17.39 3.87 -18.61
C PHE A 7 -17.64 4.93 -17.54
N SER A 8 -16.63 5.20 -16.72
CA SER A 8 -16.59 6.46 -16.00
C SER A 8 -16.25 7.57 -16.99
N PRO A 9 -16.67 8.82 -16.72
CA PRO A 9 -16.33 9.91 -17.66
C PRO A 9 -14.85 9.97 -18.01
N GLN A 10 -13.96 9.87 -17.03
CA GLN A 10 -12.54 10.04 -17.31
C GLN A 10 -11.99 8.83 -18.05
N ALA A 11 -12.46 7.63 -17.71
CA ALA A 11 -12.04 6.43 -18.43
C ALA A 11 -12.46 6.49 -19.89
N PHE A 12 -13.64 7.06 -20.17
CA PHE A 12 -14.07 7.18 -21.56
C PHE A 12 -13.15 8.12 -22.35
N GLU A 13 -12.83 9.28 -21.75
CA GLU A 13 -11.93 10.21 -22.42
C GLU A 13 -10.61 9.55 -22.77
N ASP A 14 -10.08 8.71 -21.87
CA ASP A 14 -8.82 8.01 -22.13
C ASP A 14 -9.00 6.93 -23.19
N TYR A 15 -10.11 6.19 -23.12
CA TYR A 15 -10.42 5.22 -24.16
C TYR A 15 -10.50 5.90 -25.53
N LYS A 16 -11.25 6.99 -25.62
CA LYS A 16 -11.31 7.75 -26.85
C LYS A 16 -9.93 8.22 -27.29
N TYR A 17 -9.11 8.67 -26.34
CA TYR A 17 -7.76 9.10 -26.71
C TYR A 17 -6.99 7.93 -27.33
N PHE A 18 -7.01 6.78 -26.67
CA PHE A 18 -6.32 5.61 -27.21
C PHE A 18 -6.88 5.24 -28.58
N GLN A 19 -8.19 5.37 -28.76
CA GLN A 19 -8.81 5.02 -30.02
C GLN A 19 -8.15 5.79 -31.16
N GLN A 20 -7.90 7.08 -30.97
CA GLN A 20 -7.35 7.89 -32.04
C GLN A 20 -5.82 7.79 -32.15
N ASN A 21 -5.12 7.70 -31.02
CA ASN A 21 -3.68 7.92 -30.99
C ASN A 21 -2.82 6.74 -30.58
N ASN A 22 -3.42 5.60 -30.19
CA ASN A 22 -2.61 4.45 -29.75
C ASN A 22 -3.43 3.18 -29.97
N LYS A 23 -3.31 2.61 -31.17
CA LYS A 23 -4.18 1.49 -31.54
C LYS A 23 -3.80 0.23 -30.78
N LYS A 24 -2.50 0.03 -30.53
CA LYS A 24 -2.08 -1.19 -29.84
C LYS A 24 -2.68 -1.24 -28.44
N MET A 25 -2.95 -0.09 -27.84
CA MET A 25 -3.48 -0.02 -26.49
C MET A 25 -4.99 -0.25 -26.46
N VAL A 26 -5.73 0.32 -27.41
CA VAL A 26 -7.16 0.05 -27.48
C VAL A 26 -7.40 -1.42 -27.82
N LYS A 27 -6.55 -2.00 -28.66
CA LYS A 27 -6.64 -3.43 -28.96
C LYS A 27 -6.45 -4.24 -27.68
N LYS A 28 -5.42 -3.93 -26.90
CA LYS A 28 -5.17 -4.68 -25.66
C LYS A 28 -6.33 -4.52 -24.70
N ILE A 29 -6.81 -3.28 -24.51
CA ILE A 29 -7.95 -3.06 -23.64
C ILE A 29 -9.14 -3.90 -24.08
N ASN A 30 -9.45 -3.88 -25.39
CA ASN A 30 -10.58 -4.65 -25.89
C ASN A 30 -10.38 -6.14 -25.64
N GLU A 31 -9.12 -6.61 -25.70
CA GLU A 31 -8.86 -8.02 -25.42
C GLU A 31 -9.11 -8.33 -23.95
N LEU A 32 -8.71 -7.43 -23.05
CA LEU A 32 -8.96 -7.63 -21.63
C LEU A 32 -10.46 -7.65 -21.34
N LEU A 33 -11.22 -6.77 -21.97
CA LEU A 33 -12.67 -6.75 -21.78
C LEU A 33 -13.30 -8.04 -22.26
N LYS A 34 -12.87 -8.54 -23.42
CA LYS A 34 -13.34 -9.84 -23.90
C LYS A 34 -13.04 -10.93 -22.88
N SER A 35 -11.82 -10.95 -22.33
CA SER A 35 -11.45 -11.98 -21.36
C SER A 35 -12.29 -11.87 -20.09
N ILE A 36 -12.54 -10.65 -19.63
CA ILE A 36 -13.41 -10.47 -18.46
C ILE A 36 -14.80 -11.03 -18.75
N ASP A 37 -15.33 -10.75 -19.94
CA ASP A 37 -16.68 -11.18 -20.29
C ASP A 37 -16.78 -12.71 -20.28
N ARG A 38 -15.83 -13.37 -20.93
CA ARG A 38 -15.91 -14.81 -21.08
C ARG A 38 -15.53 -15.51 -19.78
N ASN A 39 -14.47 -15.04 -19.12
CA ASN A 39 -13.86 -15.80 -18.04
C ASN A 39 -14.25 -15.35 -16.64
N GLY A 40 -14.83 -14.16 -16.50
CA GLY A 40 -15.10 -13.62 -15.19
C GLY A 40 -14.00 -12.68 -14.74
N ALA A 41 -14.29 -11.98 -13.66
CA ALA A 41 -13.45 -10.84 -13.28
C ALA A 41 -12.04 -11.28 -12.90
N LEU A 42 -11.86 -12.51 -12.41
CA LEU A 42 -10.60 -12.94 -11.81
C LEU A 42 -9.86 -13.99 -12.64
N GLU A 43 -10.27 -14.21 -13.89
CA GLU A 43 -9.67 -15.22 -14.73
C GLU A 43 -9.37 -14.65 -16.10
N GLY A 44 -8.20 -15.00 -16.62
CA GLY A 44 -7.80 -14.69 -17.98
C GLY A 44 -6.52 -13.88 -18.02
N ILE A 45 -6.32 -13.23 -19.17
CA ILE A 45 -5.09 -12.50 -19.41
C ILE A 45 -5.08 -11.21 -18.59
N GLY A 46 -3.88 -10.70 -18.36
CA GLY A 46 -3.73 -9.43 -17.69
C GLY A 46 -3.43 -9.51 -16.21
N LYS A 47 -3.26 -10.71 -15.67
CA LYS A 47 -2.95 -10.91 -14.27
C LYS A 47 -4.03 -10.25 -13.38
N PRO A 48 -5.26 -10.70 -13.46
CA PRO A 48 -6.33 -10.07 -12.66
C PRO A 48 -6.01 -10.14 -11.18
N GLU A 49 -6.26 -9.02 -10.49
CA GLU A 49 -6.12 -8.96 -9.05
C GLU A 49 -7.26 -8.17 -8.42
N LYS A 50 -7.69 -8.62 -7.25
CA LYS A 50 -8.60 -7.86 -6.41
C LYS A 50 -7.88 -6.67 -5.81
N LEU A 51 -8.57 -5.53 -5.78
CA LEU A 51 -8.05 -4.32 -5.15
C LEU A 51 -8.63 -4.18 -3.75
N LYS A 52 -7.90 -3.45 -2.91
CA LYS A 52 -8.22 -3.27 -1.50
C LYS A 52 -8.34 -1.78 -1.21
N SER A 53 -8.40 -1.45 0.07
CA SER A 53 -8.52 -0.07 0.55
C SER A 53 -9.79 0.51 -0.07
N ASN A 54 -9.77 1.79 -0.50
CA ASN A 54 -10.98 2.38 -1.03
C ASN A 54 -11.31 1.85 -2.42
N LEU A 55 -10.46 1.00 -2.99
CA LEU A 55 -10.73 0.37 -4.27
C LEU A 55 -11.40 -0.99 -4.13
N THR A 56 -11.77 -1.35 -2.90
CA THR A 56 -12.46 -2.60 -2.63
C THR A 56 -13.67 -2.75 -3.53
N GLY A 57 -13.82 -3.93 -4.10
CA GLY A 57 -14.85 -4.23 -5.06
C GLY A 57 -14.42 -4.09 -6.49
N TYR A 58 -13.25 -3.53 -6.74
CA TYR A 58 -12.74 -3.40 -8.09
C TYR A 58 -11.55 -4.33 -8.31
N TYR A 59 -11.19 -4.46 -9.57
CA TYR A 59 -10.10 -5.34 -10.00
C TYR A 59 -9.18 -4.54 -10.93
N SER A 60 -7.98 -5.05 -11.10
CA SER A 60 -7.05 -4.48 -12.07
C SER A 60 -6.47 -5.58 -12.95
N ARG A 61 -6.34 -5.24 -14.23
CA ARG A 61 -5.61 -6.04 -15.20
C ARG A 61 -4.58 -5.15 -15.85
N ARG A 62 -3.48 -5.76 -16.29
CA ARG A 62 -2.38 -5.00 -16.89
C ARG A 62 -2.66 -4.75 -18.36
N ILE A 63 -2.81 -3.48 -18.73
CA ILE A 63 -2.74 -3.12 -20.13
C ILE A 63 -1.30 -3.22 -20.62
N ASN A 64 -0.36 -2.64 -19.87
CA ASN A 64 1.06 -2.90 -20.04
C ASN A 64 1.72 -2.67 -18.68
N HIS A 65 3.04 -2.58 -18.69
CA HIS A 65 3.75 -2.48 -17.41
C HIS A 65 3.29 -1.25 -16.61
N GLU A 66 2.78 -0.24 -17.30
CA GLU A 66 2.45 1.05 -16.69
C GLU A 66 0.95 1.22 -16.46
N HIS A 67 0.14 0.90 -17.46
CA HIS A 67 -1.27 1.22 -17.43
C HIS A 67 -2.10 0.04 -17.00
N ARG A 68 -3.10 0.32 -16.19
CA ARG A 68 -4.00 -0.69 -15.66
C ARG A 68 -5.43 -0.44 -16.12
N LEU A 69 -6.13 -1.53 -16.43
CA LEU A 69 -7.58 -1.52 -16.55
C LEU A 69 -8.16 -1.79 -15.17
N VAL A 70 -8.83 -0.79 -14.61
CA VAL A 70 -9.47 -0.89 -13.31
C VAL A 70 -10.98 -0.98 -13.52
N TYR A 71 -11.59 -2.07 -13.08
CA TYR A 71 -12.96 -2.39 -13.46
C TYR A 71 -13.66 -3.16 -12.35
N THR A 72 -14.96 -3.32 -12.52
CA THR A 72 -15.78 -4.19 -11.71
C THR A 72 -16.87 -4.79 -12.59
N VAL A 73 -17.56 -5.80 -12.05
CA VAL A 73 -18.59 -6.51 -12.78
C VAL A 73 -19.85 -6.53 -11.93
N ASP A 74 -20.94 -6.01 -12.49
CA ASP A 74 -22.19 -5.84 -11.77
C ASP A 74 -23.32 -6.45 -12.59
N ASP A 75 -23.90 -7.53 -12.07
CA ASP A 75 -24.95 -8.28 -12.76
C ASP A 75 -24.50 -8.64 -14.18
N ASN A 76 -23.29 -9.20 -14.26
CA ASN A 76 -22.71 -9.65 -15.52
C ASN A 76 -22.39 -8.51 -16.48
N HIS A 77 -22.35 -7.28 -15.98
CA HIS A 77 -22.06 -6.12 -16.79
C HIS A 77 -20.74 -5.50 -16.35
N ILE A 78 -19.88 -5.20 -17.31
CA ILE A 78 -18.55 -4.68 -17.01
C ILE A 78 -18.61 -3.16 -16.91
N LYS A 79 -17.98 -2.62 -15.88
CA LYS A 79 -17.86 -1.19 -15.66
C LYS A 79 -16.39 -0.84 -15.50
N ILE A 80 -15.96 0.20 -16.19
CA ILE A 80 -14.55 0.60 -16.24
C ILE A 80 -14.39 1.90 -15.48
N ALA A 81 -13.57 1.84 -14.43
CA ALA A 81 -13.19 3.04 -13.69
C ALA A 81 -12.03 3.77 -14.35
N SER A 82 -11.07 3.04 -14.90
CA SER A 82 -9.85 3.63 -15.44
C SER A 82 -9.26 2.69 -16.49
N CYS A 83 -8.56 3.28 -17.46
CA CYS A 83 -7.80 2.49 -18.42
C CYS A 83 -6.49 3.18 -18.77
N LYS A 84 -6.02 4.08 -17.91
CA LYS A 84 -4.81 4.85 -18.16
C LYS A 84 -4.37 5.48 -16.85
N TYR A 85 -3.07 5.41 -16.57
CA TYR A 85 -2.54 5.96 -15.33
C TYR A 85 -2.47 7.47 -15.42
N HIS A 86 -3.03 8.14 -14.42
CA HIS A 86 -3.10 9.60 -14.39
C HIS A 86 -1.99 10.15 -13.51
N TYR A 87 -1.31 11.18 -14.00
CA TYR A 87 -0.25 11.82 -13.23
C TYR A 87 -0.58 13.27 -12.89
N SER B 1 -1.28 -3.06 18.37
CA SER B 1 -2.49 -3.13 17.51
C SER B 1 -2.13 -2.85 16.05
N GLY B 2 -1.63 -3.88 15.36
CA GLY B 2 -1.19 -3.70 13.99
C GLY B 2 -2.35 -3.54 13.02
N LEU B 3 -1.97 -3.12 11.81
CA LEU B 3 -2.94 -2.87 10.75
C LEU B 3 -3.15 -4.12 9.92
N VAL B 4 -4.35 -4.22 9.35
CA VAL B 4 -4.77 -5.45 8.68
C VAL B 4 -5.81 -5.08 7.65
N PRO B 5 -5.71 -5.58 6.41
CA PRO B 5 -6.67 -5.18 5.39
C PRO B 5 -8.07 -5.59 5.78
N ARG B 6 -9.04 -4.85 5.26
CA ARG B 6 -10.44 -5.17 5.49
C ARG B 6 -10.68 -6.63 5.17
N GLY B 7 -11.43 -7.30 6.03
CA GLY B 7 -11.81 -8.68 5.82
C GLY B 7 -10.70 -9.67 6.07
N SER B 8 -9.61 -9.24 6.70
CA SER B 8 -8.50 -10.10 7.04
C SER B 8 -8.33 -10.12 8.54
N HIS B 9 -7.74 -11.21 9.04
CA HIS B 9 -7.48 -11.38 10.45
C HIS B 9 -6.06 -11.89 10.62
N MET B 10 -5.33 -11.27 11.55
CA MET B 10 -3.95 -11.64 11.81
C MET B 10 -3.90 -12.68 12.91
N ILE B 11 -3.22 -13.78 12.62
CA ILE B 11 -3.00 -14.87 13.56
C ILE B 11 -1.52 -14.88 13.94
N ILE B 12 -1.23 -15.20 15.19
CA ILE B 12 0.14 -15.24 15.69
C ILE B 12 0.47 -16.66 16.09
N LYS B 13 1.57 -17.18 15.55
CA LYS B 13 2.08 -18.50 15.84
C LYS B 13 3.59 -18.41 16.02
N ASN B 14 4.15 -19.38 16.73
CA ASN B 14 5.59 -19.40 16.94
C ASN B 14 6.26 -20.32 15.92
N TYR B 15 7.59 -20.22 15.87
CA TYR B 15 8.34 -20.83 14.78
C TYR B 15 8.14 -22.34 14.76
N SER B 16 8.23 -22.98 15.93
CA SER B 16 8.08 -24.43 16.00
C SER B 16 6.73 -24.85 15.45
N TYR B 17 5.66 -24.25 15.94
CA TYR B 17 4.33 -24.53 15.40
C TYR B 17 4.30 -24.33 13.90
N ALA B 18 4.83 -23.20 13.43
CA ALA B 18 4.70 -22.86 12.02
C ALA B 18 5.45 -23.86 11.14
N ARG B 19 6.62 -24.30 11.59
CA ARG B 19 7.40 -25.24 10.79
C ARG B 19 6.73 -26.61 10.75
N GLN B 20 6.09 -27.02 11.83
CA GLN B 20 5.36 -28.28 11.82
C GLN B 20 4.13 -28.20 10.93
N ASN B 21 3.45 -27.05 10.93
CA ASN B 21 2.14 -26.93 10.28
C ASN B 21 2.16 -26.00 9.08
N LEU B 22 3.30 -25.90 8.39
CA LEU B 22 3.44 -24.91 7.32
C LEU B 22 2.35 -25.10 6.27
N LYS B 23 2.16 -26.33 5.80
CA LYS B 23 1.16 -26.58 4.76
C LYS B 23 -0.21 -26.13 5.21
N ALA B 24 -0.59 -26.44 6.45
CA ALA B 24 -1.91 -26.03 6.93
C ALA B 24 -2.02 -24.51 6.96
N LEU B 25 -0.94 -23.82 7.30
CA LEU B 25 -0.96 -22.35 7.32
C LEU B 25 -1.05 -21.77 5.92
N MET B 26 -0.35 -22.40 4.96
CA MET B 26 -0.46 -21.96 3.57
C MET B 26 -1.89 -22.10 3.06
N THR B 27 -2.57 -23.18 3.45
CA THR B 27 -3.98 -23.34 3.11
C THR B 27 -4.82 -22.26 3.79
N LYS B 28 -4.55 -21.99 5.07
CA LYS B 28 -5.38 -21.09 5.84
C LYS B 28 -5.35 -19.67 5.27
N VAL B 29 -4.16 -19.17 4.95
CA VAL B 29 -4.08 -17.80 4.45
C VAL B 29 -4.72 -17.69 3.07
N ASN B 30 -4.73 -18.78 2.31
CA ASN B 30 -5.33 -18.74 0.98
C ASN B 30 -6.85 -18.85 1.07
N ASP B 31 -7.34 -19.69 1.97
CA ASP B 31 -8.78 -19.97 1.99
C ASP B 31 -9.56 -18.84 2.65
N ASP B 32 -9.02 -18.24 3.71
CA ASP B 32 -9.80 -17.37 4.58
C ASP B 32 -9.30 -15.92 4.63
N SER B 33 -8.36 -15.55 3.77
CA SER B 33 -7.88 -14.17 3.67
C SER B 33 -7.22 -13.72 4.97
N ASP B 34 -6.65 -14.67 5.69
CA ASP B 34 -5.97 -14.39 6.94
C ASP B 34 -4.46 -14.33 6.71
N MET B 35 -3.78 -13.79 7.71
CA MET B 35 -2.34 -13.62 7.70
C MET B 35 -1.79 -14.14 9.01
N VAL B 36 -0.57 -14.65 8.95
CA VAL B 36 0.08 -15.32 10.06
C VAL B 36 1.39 -14.60 10.33
N THR B 37 1.51 -14.03 11.52
CA THR B 37 2.78 -13.58 12.07
C THR B 37 3.43 -14.76 12.78
N VAL B 38 4.57 -15.20 12.26
CA VAL B 38 5.34 -16.27 12.88
C VAL B 38 6.44 -15.63 13.73
N THR B 39 6.45 -15.95 15.01
CA THR B 39 7.41 -15.34 15.93
C THR B 39 8.64 -16.22 16.09
N SER B 40 9.71 -15.58 16.51
CA SER B 40 10.97 -16.25 16.80
C SER B 40 11.48 -15.77 18.15
N THR B 41 12.31 -16.61 18.79
CA THR B 41 12.85 -16.27 20.10
C THR B 41 13.53 -14.90 20.05
N ASP B 42 14.16 -14.57 18.92
CA ASP B 42 14.93 -13.34 18.78
C ASP B 42 14.16 -12.24 18.05
N ASP B 43 12.83 -12.37 18.03
CA ASP B 43 11.93 -11.38 17.44
C ASP B 43 12.26 -11.05 16.00
N LYS B 44 13.00 -11.90 15.28
CA LYS B 44 13.17 -11.72 13.84
C LYS B 44 12.01 -12.39 13.10
N ASN B 45 10.82 -11.81 13.29
CA ASN B 45 9.58 -12.46 12.90
C ASN B 45 9.26 -12.21 11.42
N VAL B 46 8.29 -12.97 10.93
CA VAL B 46 7.81 -12.80 9.56
C VAL B 46 6.29 -12.77 9.56
N VAL B 47 5.73 -12.30 8.44
CA VAL B 47 4.31 -12.38 8.15
C VAL B 47 4.12 -13.22 6.90
N ILE B 48 3.19 -14.17 6.97
CA ILE B 48 2.85 -15.03 5.84
C ILE B 48 1.46 -14.64 5.36
N MET B 49 1.36 -14.32 4.06
CA MET B 49 0.09 -14.01 3.41
C MET B 49 0.03 -14.79 2.10
N SER B 50 -1.19 -14.93 1.59
CA SER B 50 -1.38 -15.56 0.29
C SER B 50 -0.70 -14.72 -0.78
N GLU B 51 -0.18 -15.39 -1.82
CA GLU B 51 0.40 -14.67 -2.93
C GLU B 51 -0.61 -13.69 -3.53
N SER B 52 -1.89 -14.09 -3.55
CA SER B 52 -2.93 -13.23 -4.11
C SER B 52 -3.07 -11.95 -3.30
N ASP B 53 -3.19 -12.08 -1.97
CA ASP B 53 -3.26 -10.89 -1.13
C ASP B 53 -2.00 -10.05 -1.27
N TYR B 54 -0.85 -10.68 -1.42
CA TYR B 54 0.36 -9.93 -1.66
C TYR B 54 0.23 -9.08 -2.92
N ASN B 55 -0.13 -9.72 -4.04
CA ASN B 55 -0.27 -9.00 -5.30
C ASN B 55 -1.33 -7.92 -5.18
N SER B 56 -2.41 -8.20 -4.46
CA SER B 56 -3.45 -7.20 -4.25
C SER B 56 -2.90 -5.96 -3.54
N MET B 57 -2.11 -6.18 -2.49
CA MET B 57 -1.55 -5.06 -1.73
C MET B 57 -0.63 -4.21 -2.61
N MET B 58 0.26 -4.86 -3.38
CA MET B 58 1.21 -4.12 -4.21
C MET B 58 0.51 -3.44 -5.38
N GLU B 59 -0.52 -4.08 -5.94
CA GLU B 59 -1.33 -3.44 -6.99
C GLU B 59 -2.07 -2.22 -6.43
N THR B 60 -2.66 -2.35 -5.24
CA THR B 60 -3.33 -1.23 -4.61
C THR B 60 -2.36 -0.10 -4.34
N LEU B 61 -1.20 -0.44 -3.78
CA LEU B 61 -0.17 0.57 -3.55
C LEU B 61 0.20 1.28 -4.84
N TYR B 62 0.47 0.51 -5.90
CA TYR B 62 0.88 1.11 -7.17
C TYR B 62 -0.15 2.12 -7.66
N LEU B 63 -1.43 1.77 -7.56
CA LEU B 63 -2.47 2.64 -8.12
C LEU B 63 -2.71 3.86 -7.24
N GLN B 64 -2.47 3.74 -5.94
CA GLN B 64 -2.80 4.81 -5.02
C GLN B 64 -1.64 5.76 -4.76
N GLN B 65 -0.42 5.41 -5.16
CA GLN B 65 0.75 6.12 -4.65
C GLN B 65 0.93 7.48 -5.30
N ASN B 66 0.29 7.70 -6.45
CA ASN B 66 0.34 8.99 -7.11
C ASN B 66 -0.97 9.69 -6.73
N PRO B 67 -0.93 10.79 -5.98
CA PRO B 67 -2.20 11.39 -5.54
C PRO B 67 -3.15 11.68 -6.68
N ASN B 68 -2.62 12.02 -7.86
CA ASN B 68 -3.49 12.37 -8.99
C ASN B 68 -4.17 11.13 -9.53
N ASN B 69 -3.46 10.02 -9.62
CA ASN B 69 -4.11 8.78 -10.03
C ASN B 69 -5.12 8.33 -8.98
N ALA B 70 -4.75 8.43 -7.70
CA ALA B 70 -5.67 8.05 -6.64
C ALA B 70 -6.95 8.88 -6.72
N GLU B 71 -6.84 10.17 -7.00
CA GLU B 71 -8.02 11.02 -7.10
C GLU B 71 -8.84 10.68 -8.34
N HIS B 72 -8.16 10.38 -9.45
CA HIS B 72 -8.84 9.94 -10.66
C HIS B 72 -9.65 8.67 -10.40
N LEU B 73 -9.08 7.73 -9.65
CA LEU B 73 -9.77 6.48 -9.35
C LEU B 73 -10.94 6.72 -8.40
N ALA B 74 -10.72 7.52 -7.35
CA ALA B 74 -11.77 7.77 -6.37
C ALA B 74 -12.95 8.48 -7.03
N GLN B 75 -12.66 9.52 -7.82
CA GLN B 75 -13.71 10.23 -8.54
C GLN B 75 -14.44 9.31 -9.50
N SER B 76 -13.70 8.47 -10.23
CA SER B 76 -14.32 7.61 -11.25
C SER B 76 -15.20 6.55 -10.60
N ILE B 77 -14.76 5.98 -9.48
CA ILE B 77 -15.58 4.99 -8.79
C ILE B 77 -16.82 5.65 -8.19
N ALA B 78 -16.68 6.90 -7.74
CA ALA B 78 -17.85 7.64 -7.27
C ALA B 78 -18.82 7.89 -8.42
N ASP B 79 -18.30 8.28 -9.58
CA ASP B 79 -19.17 8.50 -10.74
C ASP B 79 -19.95 7.25 -11.08
N LEU B 80 -19.27 6.11 -11.15
CA LEU B 80 -19.92 4.86 -11.52
C LEU B 80 -21.03 4.50 -10.53
N GLU B 81 -20.79 4.76 -9.24
CA GLU B 81 -21.78 4.42 -8.24
C GLU B 81 -23.01 5.31 -8.34
N ARG B 82 -22.86 6.54 -8.82
CA ARG B 82 -23.97 7.48 -8.92
C ARG B 82 -24.61 7.51 -10.29
N GLY B 83 -24.15 6.67 -11.22
CA GLY B 83 -24.71 6.63 -12.54
C GLY B 83 -24.30 7.76 -13.47
N LYS B 84 -23.33 8.59 -13.07
CA LYS B 84 -22.77 9.61 -13.95
C LYS B 84 -21.75 8.91 -14.84
N THR B 85 -22.27 8.27 -15.88
CA THR B 85 -21.51 7.31 -16.67
C THR B 85 -21.77 7.50 -18.15
N ILE B 86 -20.93 6.83 -18.94
CA ILE B 86 -21.10 6.72 -20.39
C ILE B 86 -21.16 5.24 -20.74
N THR B 87 -22.29 4.82 -21.32
CA THR B 87 -22.48 3.45 -21.77
C THR B 87 -22.46 3.40 -23.29
N LYS B 88 -21.61 2.55 -23.82
CA LYS B 88 -21.36 2.47 -25.26
C LYS B 88 -21.20 1.02 -25.65
N ASP B 89 -21.80 0.65 -26.77
CA ASP B 89 -21.46 -0.59 -27.44
C ASP B 89 -20.11 -0.43 -28.12
N ILE B 90 -19.15 -1.27 -27.73
CA ILE B 90 -17.84 -1.34 -28.40
C ILE B 90 -17.69 -2.73 -29.01
N ASP B 91 -17.14 -2.78 -30.23
CA ASP B 91 -16.90 -4.05 -30.89
C ASP B 91 -15.58 -4.63 -30.43
N VAL B 92 -15.62 -5.85 -29.92
CA VAL B 92 -14.49 -6.47 -29.28
C VAL B 92 -14.18 -7.80 -29.96
N ALA C 1 15.42 20.28 27.88
CA ALA C 1 14.15 20.75 27.33
C ALA C 1 14.30 21.13 25.86
N ARG C 2 15.06 22.20 25.63
CA ARG C 2 15.26 22.73 24.30
C ARG C 2 15.65 21.62 23.33
N LEU C 3 14.93 21.56 22.21
CA LEU C 3 15.21 20.67 21.10
C LEU C 3 14.90 21.39 19.81
N ASN C 4 15.92 21.58 18.97
CA ASN C 4 15.76 22.28 17.70
C ASN C 4 15.12 21.33 16.69
N ILE C 5 13.98 21.74 16.15
CA ILE C 5 13.16 20.91 15.26
C ILE C 5 12.90 21.70 13.99
N THR C 6 13.00 21.03 12.85
CA THR C 6 12.64 21.61 11.56
C THR C 6 11.28 21.07 11.15
N PHE C 7 10.30 21.96 10.99
CA PHE C 7 8.97 21.61 10.52
C PHE C 7 8.81 21.92 9.03
N SER C 8 7.90 21.20 8.37
CA SER C 8 7.39 21.65 7.08
C SER C 8 6.34 22.72 7.34
N PRO C 9 6.08 23.57 6.41
CA PRO C 9 5.02 24.57 6.64
C PRO C 9 3.71 24.02 7.20
N GLN C 10 3.20 22.93 6.61
CA GLN C 10 1.89 22.44 7.00
C GLN C 10 1.98 21.68 8.31
N ALA C 11 3.08 20.96 8.52
CA ALA C 11 3.29 20.30 9.80
C ALA C 11 3.34 21.34 10.92
N PHE C 12 3.95 22.50 10.68
CA PHE C 12 4.02 23.51 11.72
C PHE C 12 2.66 24.10 12.03
N GLU C 13 1.88 24.41 11.00
CA GLU C 13 0.52 24.91 11.22
C GLU C 13 -0.28 23.93 12.07
N ASP C 14 -0.13 22.62 11.81
CA ASP C 14 -0.85 21.62 12.61
C ASP C 14 -0.31 21.56 14.03
N TYR C 15 1.02 21.62 14.20
CA TYR C 15 1.61 21.67 15.53
C TYR C 15 1.08 22.86 16.31
N LYS C 16 1.05 24.04 15.68
CA LYS C 16 0.50 25.22 16.34
C LYS C 16 -0.99 25.06 16.62
N TYR C 17 -1.72 24.43 15.70
CA TYR C 17 -3.12 24.16 16.02
C TYR C 17 -3.22 23.33 17.30
N PHE C 18 -2.48 22.21 17.37
CA PHE C 18 -2.57 21.36 18.57
C PHE C 18 -2.19 22.15 19.82
N GLN C 19 -1.25 23.10 19.68
CA GLN C 19 -0.78 23.86 20.84
C GLN C 19 -1.93 24.62 21.49
N GLN C 20 -2.79 25.23 20.69
CA GLN C 20 -3.88 26.02 21.25
C GLN C 20 -5.08 25.18 21.64
N ASN C 21 -5.31 24.06 20.95
CA ASN C 21 -6.59 23.37 21.04
C ASN C 21 -6.50 21.92 21.46
N ASN C 22 -5.30 21.31 21.54
CA ASN C 22 -5.21 19.89 21.91
C ASN C 22 -3.84 19.66 22.57
N LYS C 23 -3.76 19.99 23.85
CA LYS C 23 -2.49 19.87 24.56
C LYS C 23 -2.18 18.42 24.91
N LYS C 24 -3.20 17.57 24.95
CA LYS C 24 -2.96 16.13 25.01
C LYS C 24 -2.09 15.69 23.82
N MET C 25 -2.31 16.30 22.65
CA MET C 25 -1.63 15.83 21.44
C MET C 25 -0.23 16.40 21.35
N VAL C 26 -0.06 17.67 21.72
CA VAL C 26 1.28 18.27 21.70
C VAL C 26 2.19 17.54 22.67
N LYS C 27 1.66 17.16 23.84
CA LYS C 27 2.48 16.41 24.79
C LYS C 27 2.94 15.10 24.18
N LYS C 28 2.05 14.37 23.51
CA LYS C 28 2.43 13.12 22.88
C LYS C 28 3.48 13.35 21.82
N ILE C 29 3.25 14.33 20.94
CA ILE C 29 4.22 14.64 19.88
C ILE C 29 5.58 14.96 20.49
N ASN C 30 5.59 15.77 21.55
CA ASN C 30 6.86 16.15 22.17
C ASN C 30 7.57 14.93 22.75
N GLU C 31 6.81 13.99 23.33
CA GLU C 31 7.42 12.78 23.86
C GLU C 31 8.01 11.93 22.73
N LEU C 32 7.30 11.84 21.60
CA LEU C 32 7.84 11.13 20.45
C LEU C 32 9.13 11.78 19.96
N LEU C 33 9.16 13.11 19.93
CA LEU C 33 10.37 13.81 19.48
C LEU C 33 11.52 13.55 20.43
N LYS C 34 11.27 13.60 21.74
CA LYS C 34 12.32 13.28 22.70
C LYS C 34 12.83 11.85 22.49
N SER C 35 11.92 10.91 22.22
CA SER C 35 12.33 9.52 22.03
C SER C 35 13.17 9.37 20.76
N ILE C 36 12.80 10.07 19.69
CA ILE C 36 13.61 10.03 18.48
C ILE C 36 15.01 10.58 18.76
N ASP C 37 15.07 11.70 19.49
CA ASP C 37 16.35 12.32 19.83
C ASP C 37 17.24 11.34 20.59
N ARG C 38 16.68 10.68 21.60
CA ARG C 38 17.51 9.86 22.47
C ARG C 38 17.85 8.52 21.82
N ASN C 39 16.84 7.88 21.23
CA ASN C 39 16.94 6.49 20.84
C ASN C 39 17.27 6.27 19.37
N GLY C 40 17.15 7.29 18.55
CA GLY C 40 17.28 7.14 17.12
C GLY C 40 15.95 6.94 16.45
N ALA C 41 15.98 6.97 15.13
CA ALA C 41 14.74 7.07 14.36
C ALA C 41 13.89 5.81 14.49
N LEU C 42 14.50 4.66 14.79
CA LEU C 42 13.80 3.39 14.72
C LEU C 42 13.60 2.72 16.08
N GLU C 43 13.94 3.41 17.17
CA GLU C 43 13.84 2.83 18.50
C GLU C 43 13.00 3.75 19.38
N GLY C 44 12.17 3.13 20.22
CA GLY C 44 11.42 3.87 21.23
C GLY C 44 9.92 3.81 21.07
N ILE C 45 9.22 4.75 21.71
CA ILE C 45 7.77 4.65 21.77
C ILE C 45 7.17 5.05 20.42
N GLY C 46 5.93 4.63 20.21
CA GLY C 46 5.19 5.03 19.04
C GLY C 46 5.25 4.07 17.87
N LYS C 47 5.88 2.91 18.05
CA LYS C 47 5.96 1.87 17.03
C LYS C 47 6.61 2.45 15.78
N PRO C 48 7.88 2.85 15.85
CA PRO C 48 8.54 3.43 14.66
C PRO C 48 8.62 2.43 13.52
N GLU C 49 8.31 2.92 12.32
CA GLU C 49 8.40 2.13 11.10
C GLU C 49 9.02 2.95 9.97
N LYS C 50 9.83 2.29 9.15
CA LYS C 50 10.31 2.89 7.91
C LYS C 50 9.18 2.92 6.89
N LEU C 51 9.10 4.03 6.16
CA LEU C 51 8.11 4.17 5.09
C LEU C 51 8.74 3.86 3.74
N LYS C 52 7.88 3.47 2.80
CA LYS C 52 8.29 3.03 1.47
C LYS C 52 7.62 3.91 0.43
N SER C 53 7.74 3.51 -0.84
CA SER C 53 7.16 4.24 -1.97
C SER C 53 7.78 5.65 -1.96
N ASN C 54 6.99 6.69 -2.25
CA ASN C 54 7.56 8.03 -2.33
C ASN C 54 7.87 8.60 -0.96
N LEU C 55 7.54 7.87 0.12
CA LEU C 55 7.88 8.28 1.47
C LEU C 55 9.20 7.67 1.94
N THR C 56 9.93 7.02 1.04
CA THR C 56 11.21 6.44 1.35
C THR C 56 12.13 7.48 1.97
N GLY C 57 12.82 7.07 3.03
CA GLY C 57 13.66 7.94 3.79
C GLY C 57 12.99 8.54 5.02
N TYR C 58 11.68 8.40 5.12
CA TYR C 58 10.96 8.91 6.28
C TYR C 58 10.45 7.76 7.14
N TYR C 59 9.99 8.14 8.33
CA TYR C 59 9.53 7.18 9.32
C TYR C 59 8.17 7.60 9.85
N SER C 60 7.44 6.66 10.40
CA SER C 60 6.19 6.94 11.08
C SER C 60 6.26 6.51 12.53
N ARG C 61 5.67 7.33 13.39
CA ARG C 61 5.36 6.95 14.76
C ARG C 61 3.92 7.34 15.04
N ARG C 62 3.30 6.60 15.95
CA ARG C 62 1.87 6.80 16.21
C ARG C 62 1.69 7.86 17.29
N ILE C 63 1.02 8.96 16.92
CA ILE C 63 0.53 9.91 17.91
C ILE C 63 -0.70 9.32 18.63
N ASN C 64 -1.63 8.76 17.87
CA ASN C 64 -2.71 7.94 18.40
C ASN C 64 -3.14 7.01 17.27
N HIS C 65 -4.28 6.36 17.44
CA HIS C 65 -4.69 5.40 16.41
C HIS C 65 -4.84 6.07 15.05
N GLU C 66 -5.07 7.38 15.04
CA GLU C 66 -5.40 8.10 13.82
C GLU C 66 -4.20 8.82 13.21
N HIS C 67 -3.49 9.58 14.03
CA HIS C 67 -2.49 10.52 13.55
C HIS C 67 -1.09 9.96 13.69
N ARG C 68 -0.25 10.30 12.72
CA ARG C 68 1.12 9.83 12.65
C ARG C 68 2.07 11.02 12.68
N LEU C 69 3.17 10.86 13.39
CA LEU C 69 4.34 11.72 13.26
C LEU C 69 5.21 11.15 12.15
N VAL C 70 5.24 11.85 11.02
CA VAL C 70 6.04 11.46 9.86
C VAL C 70 7.27 12.35 9.82
N TYR C 71 8.46 11.73 9.86
CA TYR C 71 9.68 12.46 10.14
C TYR C 71 10.87 11.75 9.53
N THR C 72 12.00 12.44 9.57
CA THR C 72 13.30 11.89 9.20
C THR C 72 14.37 12.57 10.06
N VAL C 73 15.58 12.03 9.98
CA VAL C 73 16.71 12.51 10.79
C VAL C 73 17.88 12.74 9.84
N ASP C 74 18.42 13.96 9.87
CA ASP C 74 19.51 14.36 8.97
C ASP C 74 20.63 14.97 9.80
N ASP C 75 21.79 14.32 9.78
CA ASP C 75 22.93 14.70 10.62
C ASP C 75 22.48 14.99 12.04
N ASN C 76 21.70 14.06 12.58
CA ASN C 76 21.22 14.07 13.96
C ASN C 76 20.23 15.18 14.24
N HIS C 77 19.61 15.73 13.21
CA HIS C 77 18.59 16.75 13.39
C HIS C 77 17.26 16.21 12.89
N ILE C 78 16.22 16.40 13.68
CA ILE C 78 14.92 15.84 13.38
C ILE C 78 14.16 16.81 12.48
N LYS C 79 13.54 16.26 11.43
CA LYS C 79 12.71 17.02 10.52
C LYS C 79 11.33 16.39 10.47
N ILE C 80 10.30 17.22 10.64
CA ILE C 80 8.92 16.76 10.71
C ILE C 80 8.21 17.11 9.42
N ALA C 81 7.72 16.08 8.73
CA ALA C 81 6.90 16.28 7.55
C ALA C 81 5.42 16.47 7.89
N SER C 82 4.95 15.78 8.93
CA SER C 82 3.53 15.78 9.27
C SER C 82 3.37 15.36 10.72
N CYS C 83 2.30 15.87 11.34
CA CYS C 83 1.94 15.43 12.68
C CYS C 83 0.42 15.36 12.84
N LYS C 84 -0.31 15.33 11.72
CA LYS C 84 -1.76 15.30 11.73
C LYS C 84 -2.22 14.79 10.39
N TYR C 85 -3.23 13.93 10.40
CA TYR C 85 -3.75 13.34 9.17
C TYR C 85 -4.65 14.33 8.45
N HIS C 86 -4.41 14.52 7.15
CA HIS C 86 -5.10 15.49 6.33
C HIS C 86 -6.18 14.79 5.51
N TYR C 87 -7.41 15.30 5.59
CA TYR C 87 -8.51 14.74 4.83
C TYR C 87 -8.97 15.69 3.73
N GLY D 1 6.13 -9.80 -11.14
CA GLY D 1 5.42 -9.18 -10.00
C GLY D 1 6.06 -7.89 -9.50
N LEU D 2 5.34 -7.21 -8.61
CA LEU D 2 5.80 -5.95 -8.06
C LEU D 2 6.54 -6.19 -6.75
N VAL D 3 7.56 -5.39 -6.50
CA VAL D 3 8.46 -5.59 -5.38
C VAL D 3 8.83 -4.22 -4.84
N PRO D 4 8.86 -4.03 -3.53
CA PRO D 4 9.25 -2.72 -3.01
C PRO D 4 10.67 -2.40 -3.41
N ARG D 5 10.93 -1.11 -3.57
CA ARG D 5 12.27 -0.68 -3.92
C ARG D 5 13.25 -1.17 -2.87
N GLY D 6 14.36 -1.72 -3.34
CA GLY D 6 15.38 -2.28 -2.48
C GLY D 6 15.09 -3.69 -2.01
N SER D 7 14.06 -4.33 -2.55
CA SER D 7 13.71 -5.69 -2.20
C SER D 7 13.84 -6.57 -3.43
N HIS D 8 14.01 -7.86 -3.18
CA HIS D 8 14.11 -8.87 -4.23
C HIS D 8 13.27 -10.06 -3.84
N MET D 9 12.49 -10.56 -4.79
CA MET D 9 11.61 -11.69 -4.55
C MET D 9 12.34 -12.99 -4.90
N ILE D 10 12.28 -13.94 -3.98
CA ILE D 10 12.90 -15.25 -4.12
C ILE D 10 11.81 -16.30 -4.20
N ILE D 11 11.95 -17.27 -5.09
CA ILE D 11 10.96 -18.32 -5.28
C ILE D 11 11.52 -19.64 -4.77
N LYS D 12 10.76 -20.29 -3.89
CA LYS D 12 11.11 -21.59 -3.34
C LYS D 12 9.85 -22.45 -3.27
N ASN D 13 10.03 -23.77 -3.38
CA ASN D 13 8.88 -24.66 -3.24
C ASN D 13 8.71 -25.07 -1.79
N TYR D 14 7.62 -25.80 -1.53
CA TYR D 14 7.14 -25.92 -0.15
C TYR D 14 8.04 -26.81 0.69
N SER D 15 8.38 -28.00 0.17
CA SER D 15 9.23 -28.91 0.93
C SER D 15 10.49 -28.20 1.41
N TYR D 16 11.12 -27.48 0.48
CA TYR D 16 12.28 -26.65 0.76
C TYR D 16 12.00 -25.63 1.88
N ALA D 17 10.89 -24.90 1.77
CA ALA D 17 10.64 -23.83 2.74
C ALA D 17 10.43 -24.39 4.13
N ARG D 18 9.74 -25.53 4.24
CA ARG D 18 9.47 -26.10 5.55
C ARG D 18 10.72 -26.68 6.17
N GLN D 19 11.65 -27.17 5.35
CA GLN D 19 12.93 -27.63 5.87
C GLN D 19 13.78 -26.44 6.29
N ASN D 20 13.79 -25.37 5.50
CA ASN D 20 14.70 -24.25 5.73
C ASN D 20 13.96 -23.03 6.28
N LEU D 21 12.87 -23.24 7.02
CA LEU D 21 12.00 -22.13 7.39
C LEU D 21 12.77 -21.10 8.20
N LYS D 22 13.56 -21.54 9.18
CA LYS D 22 14.28 -20.58 10.02
C LYS D 22 15.29 -19.78 9.20
N ALA D 23 15.96 -20.44 8.26
CA ALA D 23 16.93 -19.73 7.43
C ALA D 23 16.24 -18.67 6.58
N LEU D 24 15.03 -18.97 6.08
CA LEU D 24 14.29 -18.00 5.28
C LEU D 24 13.80 -16.83 6.13
N MET D 25 13.41 -17.10 7.38
CA MET D 25 12.99 -16.01 8.27
C MET D 25 14.15 -15.07 8.55
N THR D 26 15.36 -15.60 8.71
CA THR D 26 16.53 -14.75 8.84
C THR D 26 16.78 -13.96 7.56
N LYS D 27 16.63 -14.61 6.41
CA LYS D 27 16.98 -13.98 5.13
C LYS D 27 16.09 -12.77 4.87
N VAL D 28 14.79 -12.90 5.05
CA VAL D 28 13.88 -11.79 4.73
C VAL D 28 14.06 -10.66 5.74
N ASN D 29 14.45 -10.98 6.97
CA ASN D 29 14.70 -9.93 7.96
C ASN D 29 16.02 -9.22 7.67
N ASP D 30 17.06 -9.97 7.30
CA ASP D 30 18.39 -9.37 7.21
C ASP D 30 18.53 -8.54 5.94
N ASP D 31 18.02 -9.05 4.82
CA ASP D 31 18.25 -8.46 3.52
C ASP D 31 17.02 -7.81 2.91
N SER D 32 15.91 -7.73 3.65
CA SER D 32 14.69 -7.12 3.15
C SER D 32 14.26 -7.76 1.83
N ASP D 33 14.52 -9.05 1.69
CA ASP D 33 13.99 -9.83 0.58
C ASP D 33 12.69 -10.49 1.00
N MET D 34 12.01 -11.07 0.01
CA MET D 34 10.73 -11.72 0.20
C MET D 34 10.75 -13.02 -0.56
N VAL D 35 10.04 -14.00 -0.03
CA VAL D 35 10.06 -15.37 -0.55
C VAL D 35 8.64 -15.76 -0.89
N THR D 36 8.42 -16.10 -2.15
CA THR D 36 7.22 -16.79 -2.58
C THR D 36 7.47 -18.28 -2.44
N VAL D 37 6.68 -18.93 -1.60
CA VAL D 37 6.72 -20.37 -1.42
C VAL D 37 5.62 -20.98 -2.29
N THR D 38 6.01 -21.83 -3.23
CA THR D 38 5.07 -22.42 -4.16
C THR D 38 4.52 -23.73 -3.63
N SER D 39 3.29 -24.02 -4.02
CA SER D 39 2.56 -25.23 -3.64
C SER D 39 2.22 -26.00 -4.91
N THR D 40 2.19 -27.33 -4.78
CA THR D 40 1.86 -28.15 -5.95
C THR D 40 0.53 -27.72 -6.54
N ASP D 41 -0.36 -27.18 -5.70
CA ASP D 41 -1.72 -26.82 -6.10
C ASP D 41 -1.89 -25.32 -6.30
N ASP D 42 -0.79 -24.59 -6.40
CA ASP D 42 -0.81 -23.16 -6.70
C ASP D 42 -1.43 -22.34 -5.57
N LYS D 43 -1.54 -22.90 -4.37
CA LYS D 43 -2.01 -22.14 -3.21
C LYS D 43 -0.81 -21.54 -2.48
N ASN D 44 -0.15 -20.60 -3.17
CA ASN D 44 1.16 -20.13 -2.75
C ASN D 44 1.02 -19.03 -1.69
N VAL D 45 2.16 -18.74 -1.04
CA VAL D 45 2.23 -17.69 -0.03
C VAL D 45 3.46 -16.82 -0.30
N VAL D 46 3.42 -15.62 0.28
CA VAL D 46 4.57 -14.73 0.30
C VAL D 46 4.99 -14.53 1.75
N ILE D 47 6.28 -14.67 2.01
CA ILE D 47 6.85 -14.48 3.34
C ILE D 47 7.69 -13.21 3.31
N MET D 48 7.39 -12.29 4.24
CA MET D 48 8.15 -11.07 4.42
C MET D 48 8.43 -10.85 5.90
N SER D 49 9.43 -10.04 6.17
CA SER D 49 9.71 -9.64 7.55
C SER D 49 8.52 -8.90 8.11
N GLU D 50 8.27 -9.08 9.41
CA GLU D 50 7.21 -8.34 10.08
C GLU D 50 7.41 -6.84 9.90
N SER D 51 8.67 -6.39 9.90
CA SER D 51 8.95 -4.97 9.72
C SER D 51 8.48 -4.50 8.35
N ASP D 52 8.83 -5.24 7.29
CA ASP D 52 8.42 -4.85 5.94
C ASP D 52 6.90 -4.89 5.80
N TYR D 53 6.25 -5.85 6.44
CA TYR D 53 4.78 -5.86 6.43
C TYR D 53 4.25 -4.59 7.09
N ASN D 54 4.74 -4.27 8.29
CA ASN D 54 4.27 -3.07 8.98
C ASN D 54 4.56 -1.82 8.15
N SER D 55 5.72 -1.78 7.48
CA SER D 55 6.06 -0.65 6.63
C SER D 55 5.05 -0.49 5.49
N MET D 56 4.69 -1.61 4.85
CA MET D 56 3.75 -1.57 3.73
C MET D 56 2.39 -1.08 4.17
N MET D 57 1.88 -1.60 5.29
CA MET D 57 0.57 -1.19 5.79
C MET D 57 0.59 0.26 6.24
N GLU D 58 1.69 0.70 6.87
CA GLU D 58 1.82 2.10 7.26
C GLU D 58 1.87 3.01 6.04
N THR D 59 2.64 2.64 5.02
CA THR D 59 2.67 3.40 3.77
C THR D 59 1.29 3.46 3.13
N LEU D 60 0.61 2.31 3.05
CA LEU D 60 -0.75 2.28 2.54
C LEU D 60 -1.65 3.24 3.31
N TYR D 61 -1.65 3.14 4.64
CA TYR D 61 -2.52 3.99 5.45
C TYR D 61 -2.30 5.46 5.15
N LEU D 62 -1.04 5.87 5.02
CA LEU D 62 -0.74 7.28 4.85
C LEU D 62 -1.09 7.76 3.45
N GLN D 63 -0.89 6.91 2.45
CA GLN D 63 -1.09 7.32 1.06
C GLN D 63 -2.52 7.16 0.59
N GLN D 64 -3.36 6.45 1.35
CA GLN D 64 -4.64 6.00 0.79
C GLN D 64 -5.65 7.14 0.69
N ASN D 65 -5.43 8.25 1.36
CA ASN D 65 -6.31 9.39 1.26
C ASN D 65 -5.60 10.37 0.35
N PRO D 66 -6.10 10.67 -0.85
CA PRO D 66 -5.34 11.52 -1.76
C PRO D 66 -4.92 12.84 -1.14
N ASN D 67 -5.71 13.38 -0.20
CA ASN D 67 -5.38 14.67 0.39
C ASN D 67 -4.22 14.52 1.36
N ASN D 68 -4.23 13.47 2.17
CA ASN D 68 -3.08 13.22 3.03
C ASN D 68 -1.84 12.91 2.20
N ALA D 69 -2.01 12.13 1.12
CA ALA D 69 -0.87 11.83 0.26
C ALA D 69 -0.26 13.11 -0.31
N GLU D 70 -1.10 14.06 -0.72
CA GLU D 70 -0.58 15.30 -1.27
C GLU D 70 0.06 16.15 -0.17
N HIS D 71 -0.52 16.14 1.03
CA HIS D 71 0.05 16.87 2.15
C HIS D 71 1.45 16.33 2.50
N LEU D 72 1.61 15.00 2.47
CA LEU D 72 2.93 14.40 2.70
C LEU D 72 3.90 14.73 1.57
N ALA D 73 3.46 14.60 0.32
CA ALA D 73 4.34 14.87 -0.81
C ALA D 73 4.83 16.32 -0.78
N GLN D 74 3.91 17.27 -0.63
CA GLN D 74 4.31 18.68 -0.61
C GLN D 74 5.25 18.96 0.55
N SER D 75 4.97 18.39 1.72
CA SER D 75 5.76 18.69 2.91
C SER D 75 7.17 18.12 2.78
N ILE D 76 7.31 16.92 2.21
CA ILE D 76 8.64 16.36 2.01
C ILE D 76 9.37 17.14 0.92
N ALA D 77 8.66 17.62 -0.10
CA ALA D 77 9.28 18.49 -1.09
C ALA D 77 9.72 19.80 -0.46
N ASP D 78 8.91 20.36 0.45
CA ASP D 78 9.28 21.58 1.15
C ASP D 78 10.55 21.36 1.95
N LEU D 79 10.59 20.26 2.73
CA LEU D 79 11.75 20.00 3.58
C LEU D 79 13.03 19.85 2.76
N GLU D 80 12.94 19.18 1.61
CA GLU D 80 14.14 18.99 0.80
C GLU D 80 14.63 20.30 0.19
N ARG D 81 13.74 21.28 0.04
CA ARG D 81 14.09 22.54 -0.60
C ARG D 81 14.43 23.65 0.39
N GLY D 82 14.52 23.35 1.68
CA GLY D 82 14.77 24.40 2.64
C GLY D 82 13.58 25.30 2.93
N LYS D 83 12.41 24.99 2.35
CA LYS D 83 11.18 25.74 2.58
C LYS D 83 10.57 25.31 3.92
N THR D 84 11.20 25.77 5.00
CA THR D 84 10.90 25.19 6.30
C THR D 84 10.77 26.24 7.40
N ILE D 85 10.25 25.75 8.53
CA ILE D 85 10.18 26.50 9.78
C ILE D 85 11.07 25.78 10.79
N THR D 86 12.01 26.51 11.37
CA THR D 86 12.89 26.01 12.41
C THR D 86 12.57 26.68 13.73
N LYS D 87 12.18 25.88 14.72
CA LYS D 87 11.80 26.36 16.03
C LYS D 87 12.49 25.53 17.10
N ASP D 88 13.01 26.20 18.13
CA ASP D 88 13.34 25.54 19.38
C ASP D 88 12.06 25.26 20.15
N ILE D 89 11.86 24.01 20.54
CA ILE D 89 10.73 23.64 21.38
C ILE D 89 11.21 22.89 22.61
N ASP D 90 10.52 23.12 23.73
CA ASP D 90 10.76 22.42 24.99
C ASP D 90 9.80 21.26 25.15
N VAL D 91 10.29 20.20 25.81
CA VAL D 91 9.55 18.97 25.96
C VAL D 91 8.75 19.04 27.25
#